data_6THW
#
_entry.id   6THW
#
_cell.length_a   87.470
_cell.length_b   110.540
_cell.length_c   142.830
_cell.angle_alpha   90.000
_cell.angle_beta   90.000
_cell.angle_gamma   90.000
#
_symmetry.space_group_name_H-M   'I 2 2 2'
#
loop_
_entity.id
_entity.type
_entity.pdbx_description
1 polymer 'Interleukin-1 receptor-associated kinase 4'
2 non-polymer 7-fluoranyl-4-(1-methylcyclopropyl)oxy-~{N}-[1-(1-methylpiperidin-4-yl)pyrazol-4-yl]-6-(2-methylpyrimidin-5-yl)pyrido[3,2-d]pyrimidin-2-amine
3 water water
#
_entity_poly.entity_id   1
_entity_poly.type   'polypeptide(L)'
_entity_poly.pdbx_seq_one_letter_code
;GENKSLEVSDTRFHSFSFYELKNVTNNFDERPISVGGNKMGEGGFGVVYKGYVNNTTVAVKKLAAMVDITTEELKQQFDQ
EIKVMAKCQHENLVELLGFSSDGDDLCLVYVYMPNGSLLDRLSCLDGTPPLSWHMRCKIAQGAANGINFLHENHHIHRDI
KSANILLDEAFTAKISDFGLARASEKFAQTVMTSRIVGTTAYMAPEALRGEITPKSDIYSFGVVLLEIITGLPAVDEHRE
PQLLLDIKEEIEDEEKTIEDYIDKKMNDADSTSVEAMYSVASQCLHEKKNKRPDIKKVQQLLQEMTAS
;
_entity_poly.pdbx_strand_id   A,B
#
loop_
_chem_comp.id
_chem_comp.type
_chem_comp.name
_chem_comp.formula
NBK non-polymer 7-fluoranyl-4-(1-methylcyclopropyl)oxy-~{N}-[1-(1-methylpiperidin-4-yl)pyrazol-4-yl]-6-(2-methylpyrimidin-5-yl)pyrido[3,2-d]pyrimidin-2-amine 'C25 H28 F N9 O'
#
# COMPACT_ATOMS: atom_id res chain seq x y z
N ARG A 12 18.95 29.60 20.45
CA ARG A 12 19.44 28.93 19.25
C ARG A 12 20.98 28.55 19.37
N PHE A 13 21.35 27.38 19.93
CA PHE A 13 20.56 26.32 20.55
C PHE A 13 21.25 25.85 21.84
N HIS A 14 20.49 25.30 22.78
CA HIS A 14 20.99 24.86 24.07
C HIS A 14 21.78 23.53 24.06
N SER A 15 22.57 23.31 25.12
CA SER A 15 23.22 22.04 25.45
C SER A 15 22.28 21.38 26.48
N PHE A 16 21.97 20.09 26.37
CA PHE A 16 21.11 19.39 27.33
C PHE A 16 21.93 18.38 28.11
N SER A 17 21.59 18.12 29.38
CA SER A 17 22.28 17.09 30.16
C SER A 17 21.82 15.75 29.60
N PHE A 18 22.76 14.79 29.50
CA PHE A 18 22.45 13.44 29.04
C PHE A 18 21.32 12.83 29.89
N TYR A 19 21.37 13.09 31.22
CA TYR A 19 20.38 12.62 32.18
C TYR A 19 19.01 13.27 31.97
N GLU A 20 18.93 14.54 31.51
CA GLU A 20 17.63 15.18 31.22
C GLU A 20 17.00 14.43 30.04
N LEU A 21 17.77 14.18 28.96
CA LEU A 21 17.26 13.46 27.78
C LEU A 21 16.88 12.02 28.10
N LYS A 22 17.69 11.35 28.96
CA LYS A 22 17.41 9.98 29.42
C LYS A 22 16.07 9.99 30.16
N ASN A 23 15.86 10.98 31.01
CA ASN A 23 14.64 11.11 31.80
C ASN A 23 13.37 11.40 31.01
N VAL A 24 13.45 12.16 29.91
CA VAL A 24 12.28 12.55 29.11
C VAL A 24 11.91 11.51 28.03
N THR A 25 12.79 10.49 27.83
CA THR A 25 12.57 9.41 26.86
C THR A 25 12.33 8.08 27.60
N ASN A 26 11.96 8.16 28.89
CA ASN A 26 11.71 7.01 29.79
C ASN A 26 12.92 6.04 29.78
N ASN A 27 14.11 6.60 30.07
CA ASN A 27 15.42 5.92 30.08
C ASN A 27 15.76 5.32 28.72
N PHE A 28 15.55 6.12 27.63
CA PHE A 28 15.78 5.70 26.25
C PHE A 28 15.11 4.35 26.00
N ASP A 29 13.79 4.33 26.28
CA ASP A 29 12.91 3.17 26.16
C ASP A 29 12.84 2.70 24.70
N GLU A 30 13.58 1.63 24.38
CA GLU A 30 13.71 1.01 23.06
C GLU A 30 12.43 0.32 22.55
N ARG A 31 11.38 0.22 23.38
CA ARG A 31 10.10 -0.37 22.97
C ARG A 31 9.40 0.63 22.02
N PRO A 32 8.66 0.15 21.01
CA PRO A 32 7.93 1.08 20.13
C PRO A 32 6.86 1.87 20.89
N ILE A 33 6.50 3.06 20.37
CA ILE A 33 5.47 3.94 20.94
C ILE A 33 4.15 3.18 21.21
N SER A 34 3.72 2.30 20.26
CA SER A 34 2.48 1.49 20.33
C SER A 34 2.40 0.58 21.55
N VAL A 35 3.55 0.08 22.02
CA VAL A 35 3.68 -0.83 23.18
C VAL A 35 3.80 -0.04 24.53
N GLY A 36 4.05 1.26 24.44
CA GLY A 36 4.20 2.14 25.60
C GLY A 36 5.62 2.61 25.83
N GLY A 37 6.47 2.41 24.82
CA GLY A 37 7.87 2.83 24.84
C GLY A 37 8.05 4.20 24.21
N ASN A 38 9.29 4.53 23.83
CA ASN A 38 9.61 5.85 23.24
C ASN A 38 10.29 5.78 21.86
N LYS A 39 10.57 4.54 21.35
CA LYS A 39 11.21 4.35 20.05
C LYS A 39 10.29 4.72 18.90
N MET A 40 10.75 5.67 18.07
CA MET A 40 10.01 6.10 16.89
C MET A 40 10.61 5.48 15.66
N GLY A 41 11.92 5.28 15.70
CA GLY A 41 12.62 4.69 14.59
C GLY A 41 14.09 4.51 14.80
N GLU A 42 14.70 3.87 13.80
CA GLU A 42 16.11 3.62 13.76
C GLU A 42 16.61 3.75 12.30
N GLY A 43 17.78 4.37 12.19
CA GLY A 43 18.47 4.70 10.94
C GLY A 43 19.38 5.89 11.13
N GLY A 44 20.34 6.02 10.21
CA GLY A 44 21.32 7.10 10.22
C GLY A 44 22.27 7.01 11.40
N PHE A 45 22.68 5.78 11.76
CA PHE A 45 23.60 5.48 12.87
C PHE A 45 22.98 5.84 14.21
N GLY A 46 21.71 5.54 14.34
CA GLY A 46 21.07 5.80 15.60
C GLY A 46 19.67 5.28 15.77
N VAL A 47 19.10 5.64 16.93
CA VAL A 47 17.72 5.40 17.36
C VAL A 47 17.13 6.75 17.72
N VAL A 48 15.89 6.98 17.27
CA VAL A 48 15.17 8.20 17.52
C VAL A 48 14.06 7.89 18.53
N TYR A 49 14.04 8.69 19.60
CA TYR A 49 13.07 8.56 20.69
C TYR A 49 12.23 9.80 20.79
N LYS A 50 10.97 9.62 21.23
CA LYS A 50 10.07 10.72 21.47
C LYS A 50 10.36 11.22 22.89
N GLY A 51 10.54 12.52 23.01
CA GLY A 51 10.78 13.20 24.27
C GLY A 51 9.89 14.43 24.44
N TYR A 52 10.01 15.11 25.60
CA TYR A 52 9.21 16.28 25.93
C TYR A 52 10.04 17.30 26.68
N VAL A 53 10.03 18.56 26.21
CA VAL A 53 10.63 19.73 26.87
C VAL A 53 9.53 20.89 27.00
N ASN A 54 8.87 20.97 28.20
CA ASN A 54 7.76 21.85 28.63
C ASN A 54 6.59 21.89 27.61
N ASN A 55 6.56 22.82 26.66
CA ASN A 55 5.40 22.79 25.77
C ASN A 55 5.75 22.21 24.41
N THR A 56 6.84 21.42 24.36
CA THR A 56 7.31 20.86 23.10
C THR A 56 7.60 19.34 23.13
N THR A 57 7.01 18.62 22.18
CA THR A 57 7.32 17.21 21.95
C THR A 57 8.56 17.31 21.08
N VAL A 58 9.58 16.50 21.32
CA VAL A 58 10.86 16.56 20.57
C VAL A 58 11.25 15.17 20.10
N ALA A 59 12.19 15.13 19.16
CA ALA A 59 12.77 13.90 18.65
C ALA A 59 14.19 13.92 19.09
N VAL A 60 14.58 12.89 19.83
CA VAL A 60 15.93 12.75 20.37
C VAL A 60 16.66 11.65 19.62
N LYS A 61 17.65 12.02 18.83
CA LYS A 61 18.42 11.03 18.09
C LYS A 61 19.65 10.68 18.91
N LYS A 62 19.73 9.42 19.39
CA LYS A 62 20.87 8.94 20.17
C LYS A 62 21.77 8.23 19.18
N LEU A 63 22.96 8.80 18.95
CA LEU A 63 23.92 8.26 18.00
C LEU A 63 24.58 6.96 18.46
N THR A 70 36.01 4.24 13.07
CA THR A 70 34.78 5.01 12.97
C THR A 70 34.36 5.74 14.27
N THR A 71 35.06 5.55 15.41
CA THR A 71 34.76 6.18 16.71
C THR A 71 34.70 7.74 16.59
N GLU A 72 35.82 8.31 16.16
CA GLU A 72 36.07 9.72 15.96
C GLU A 72 35.30 10.23 14.76
N GLU A 73 35.06 9.35 13.75
CA GLU A 73 34.32 9.69 12.53
C GLU A 73 32.84 9.99 12.82
N LEU A 74 32.23 9.34 13.85
CA LEU A 74 30.86 9.58 14.29
C LEU A 74 30.75 10.96 14.95
N LYS A 75 31.76 11.33 15.79
CA LYS A 75 31.84 12.63 16.47
C LYS A 75 31.94 13.75 15.42
N GLN A 76 32.69 13.49 14.32
CA GLN A 76 32.86 14.42 13.20
C GLN A 76 31.51 14.65 12.51
N GLN A 77 30.69 13.58 12.34
CA GLN A 77 29.35 13.65 11.74
C GLN A 77 28.41 14.47 12.61
N PHE A 78 28.51 14.29 13.96
CA PHE A 78 27.76 15.01 14.98
C PHE A 78 28.08 16.52 14.92
N ASP A 79 29.39 16.86 14.95
CA ASP A 79 29.88 18.24 14.87
C ASP A 79 29.48 18.91 13.55
N GLN A 80 29.57 18.16 12.43
CA GLN A 80 29.22 18.62 11.09
C GLN A 80 27.75 19.01 11.00
N GLU A 81 26.85 18.14 11.49
CA GLU A 81 25.42 18.38 11.50
C GLU A 81 25.07 19.66 12.24
N ILE A 82 25.66 19.88 13.44
CA ILE A 82 25.45 21.08 14.27
C ILE A 82 25.89 22.33 13.50
N LYS A 83 27.06 22.23 12.83
CA LYS A 83 27.66 23.30 12.02
C LYS A 83 26.71 23.69 10.88
N VAL A 84 26.15 22.68 10.17
CA VAL A 84 25.20 22.88 9.06
C VAL A 84 23.93 23.54 9.57
N MET A 85 23.37 23.04 10.69
CA MET A 85 22.16 23.56 11.34
C MET A 85 22.28 25.01 11.80
N ALA A 86 23.50 25.39 12.27
CA ALA A 86 23.81 26.74 12.71
C ALA A 86 23.74 27.74 11.55
N LYS A 87 24.13 27.31 10.36
CA LYS A 87 24.19 28.14 9.16
C LYS A 87 22.92 28.11 8.31
N CYS A 88 22.29 26.94 8.20
CA CYS A 88 21.17 26.72 7.29
C CYS A 88 19.79 26.67 7.98
N GLN A 89 19.09 27.81 7.93
CA GLN A 89 17.73 27.95 8.49
C GLN A 89 16.75 28.25 7.34
N HIS A 90 15.76 27.35 7.13
CA HIS A 90 14.79 27.50 6.03
C HIS A 90 13.54 26.67 6.32
N GLU A 91 12.38 27.13 5.82
CA GLU A 91 11.08 26.47 5.98
C GLU A 91 11.14 25.00 5.61
N ASN A 92 12.00 24.63 4.65
CA ASN A 92 12.08 23.25 4.17
C ASN A 92 13.29 22.48 4.66
N LEU A 93 13.85 22.90 5.81
CA LEU A 93 14.95 22.20 6.48
C LEU A 93 14.54 21.96 7.92
N VAL A 94 14.80 20.76 8.47
CA VAL A 94 14.48 20.46 9.88
C VAL A 94 15.18 21.43 10.81
N GLU A 95 14.54 21.71 11.94
CA GLU A 95 15.10 22.61 12.93
C GLU A 95 15.70 21.84 14.10
N LEU A 96 16.98 22.13 14.40
CA LEU A 96 17.69 21.55 15.56
C LEU A 96 17.38 22.43 16.76
N LEU A 97 17.01 21.81 17.88
CA LEU A 97 16.69 22.55 19.11
C LEU A 97 17.82 22.51 20.10
N GLY A 98 18.53 21.39 20.12
CA GLY A 98 19.63 21.18 21.05
C GLY A 98 20.50 19.98 20.79
N PHE A 99 21.49 19.78 21.66
CA PHE A 99 22.43 18.67 21.58
C PHE A 99 22.85 18.29 22.98
N SER A 100 23.44 17.10 23.14
CA SER A 100 23.85 16.79 24.49
C SER A 100 25.40 16.67 24.70
N SER A 101 26.08 15.64 24.18
CA SER A 101 27.54 15.36 24.26
C SER A 101 28.02 15.10 25.69
N ASP A 102 28.25 13.81 25.97
CA ASP A 102 28.77 13.33 27.24
C ASP A 102 30.34 13.62 27.31
N GLY A 103 31.31 12.69 27.18
CA GLY A 103 31.29 11.23 27.15
C GLY A 103 31.12 10.61 25.77
N ASP A 104 30.99 9.26 25.73
CA ASP A 104 30.75 8.48 24.52
C ASP A 104 29.23 8.27 24.29
N ASP A 105 28.42 9.28 24.63
CA ASP A 105 26.97 9.34 24.40
C ASP A 105 26.66 10.66 23.70
N LEU A 106 26.16 10.57 22.46
CA LEU A 106 25.84 11.75 21.65
C LEU A 106 24.37 11.78 21.29
N CYS A 107 23.70 12.92 21.59
CA CYS A 107 22.29 13.14 21.27
C CYS A 107 22.09 14.46 20.57
N LEU A 108 21.19 14.42 19.59
CA LEU A 108 20.76 15.61 18.86
C LEU A 108 19.25 15.71 19.08
N VAL A 109 18.78 16.91 19.42
CA VAL A 109 17.35 17.15 19.73
C VAL A 109 16.72 18.03 18.64
N TYR A 110 15.64 17.53 18.02
CA TYR A 110 14.99 18.25 16.94
C TYR A 110 13.55 18.54 17.26
N VAL A 111 12.96 19.49 16.49
CA VAL A 111 11.55 19.78 16.54
C VAL A 111 10.89 18.47 16.04
N TYR A 112 9.93 17.95 16.77
CA TYR A 112 9.25 16.71 16.42
C TYR A 112 8.40 16.89 15.15
N MET A 113 8.54 16.00 14.17
CA MET A 113 7.79 16.06 12.91
C MET A 113 6.63 15.07 13.06
N PRO A 114 5.40 15.56 13.30
CA PRO A 114 4.30 14.62 13.63
C PRO A 114 3.91 13.63 12.55
N ASN A 115 4.32 13.88 11.28
CA ASN A 115 3.96 13.00 10.19
C ASN A 115 5.14 12.14 9.71
N GLY A 116 6.21 12.10 10.49
CA GLY A 116 7.38 11.26 10.20
C GLY A 116 8.07 11.52 8.90
N SER A 117 8.56 10.44 8.21
CA SER A 117 9.23 10.58 6.91
C SER A 117 8.31 10.38 5.70
N LEU A 118 8.74 10.93 4.56
CA LEU A 118 8.06 10.73 3.28
C LEU A 118 8.07 9.24 2.92
N LEU A 119 9.18 8.53 3.22
CA LEU A 119 9.31 7.08 2.95
C LEU A 119 8.14 6.35 3.59
N ASP A 120 7.93 6.60 4.89
CA ASP A 120 6.91 5.91 5.66
C ASP A 120 5.51 6.33 5.26
N ARG A 121 5.31 7.60 4.84
CA ARG A 121 3.99 8.04 4.41
C ARG A 121 3.65 7.49 3.05
N LEU A 122 4.67 7.28 2.19
CA LEU A 122 4.45 6.66 0.87
C LEU A 122 4.11 5.18 1.01
N SER A 123 4.65 4.50 2.02
CA SER A 123 4.35 3.09 2.24
C SER A 123 3.16 2.89 3.13
N CYS A 124 2.57 3.99 3.66
CA CYS A 124 1.43 4.00 4.60
C CYS A 124 1.73 3.21 5.87
N LEU A 125 2.98 3.28 6.35
CA LEU A 125 3.42 2.60 7.55
C LEU A 125 2.58 3.01 8.74
N ASP A 126 2.19 2.00 9.54
CA ASP A 126 1.39 2.13 10.75
C ASP A 126 -0.04 2.55 10.45
N GLY A 127 -0.49 2.32 9.22
CA GLY A 127 -1.88 2.52 8.84
C GLY A 127 -2.31 3.93 8.53
N THR A 128 -1.35 4.82 8.24
CA THR A 128 -1.63 6.20 7.87
C THR A 128 -2.26 6.23 6.48
N PRO A 129 -3.20 7.15 6.19
CA PRO A 129 -3.85 7.14 4.85
C PRO A 129 -2.91 7.56 3.72
N PRO A 130 -3.16 7.06 2.49
CA PRO A 130 -2.30 7.45 1.37
C PRO A 130 -2.27 8.95 1.11
N LEU A 131 -1.13 9.50 0.70
CA LEU A 131 -0.98 10.91 0.35
C LEU A 131 -1.67 11.16 -1.00
N SER A 132 -2.42 12.23 -1.11
CA SER A 132 -3.10 12.60 -2.34
C SER A 132 -2.07 13.13 -3.33
N TRP A 133 -2.41 13.20 -4.62
CA TRP A 133 -1.51 13.76 -5.62
C TRP A 133 -1.22 15.23 -5.29
N HIS A 134 -2.26 15.95 -4.84
CA HIS A 134 -2.18 17.34 -4.41
C HIS A 134 -1.12 17.51 -3.32
N MET A 135 -1.14 16.68 -2.28
CA MET A 135 -0.14 16.73 -1.22
C MET A 135 1.25 16.36 -1.74
N ARG A 136 1.32 15.33 -2.60
CA ARG A 136 2.58 14.89 -3.22
C ARG A 136 3.25 16.01 -4.00
N CYS A 137 2.48 16.81 -4.77
CA CYS A 137 3.01 17.96 -5.51
C CYS A 137 3.60 19.01 -4.58
N LYS A 138 2.92 19.31 -3.48
CA LYS A 138 3.39 20.29 -2.47
C LYS A 138 4.68 19.80 -1.80
N ILE A 139 4.74 18.52 -1.47
CA ILE A 139 5.93 17.93 -0.85
C ILE A 139 7.14 18.00 -1.81
N ALA A 140 6.95 17.64 -3.10
CA ALA A 140 8.01 17.69 -4.12
C ALA A 140 8.53 19.12 -4.26
N GLN A 141 7.63 20.12 -4.28
CA GLN A 141 8.01 21.54 -4.38
C GLN A 141 8.81 21.97 -3.15
N GLY A 142 8.34 21.59 -1.97
CA GLY A 142 8.96 21.89 -0.69
C GLY A 142 10.35 21.31 -0.58
N ALA A 143 10.50 20.02 -0.89
CA ALA A 143 11.80 19.36 -0.88
C ALA A 143 12.81 20.04 -1.82
N ALA A 144 12.36 20.43 -3.04
CA ALA A 144 13.21 21.16 -4.02
C ALA A 144 13.63 22.51 -3.46
N ASN A 145 12.73 23.19 -2.74
CA ASN A 145 13.02 24.48 -2.11
C ASN A 145 14.12 24.34 -1.04
N GLY A 146 14.08 23.24 -0.28
CA GLY A 146 15.08 22.97 0.74
C GLY A 146 16.45 22.71 0.15
N ILE A 147 16.50 21.86 -0.92
CA ILE A 147 17.75 21.58 -1.64
C ILE A 147 18.30 22.86 -2.28
N ASN A 148 17.41 23.71 -2.84
CA ASN A 148 17.84 24.97 -3.42
C ASN A 148 18.53 25.86 -2.39
N PHE A 149 17.98 25.95 -1.16
CA PHE A 149 18.59 26.72 -0.08
C PHE A 149 20.00 26.19 0.19
N LEU A 150 20.17 24.87 0.28
CA LEU A 150 21.47 24.23 0.50
C LEU A 150 22.47 24.54 -0.62
N HIS A 151 22.05 24.37 -1.89
CA HIS A 151 22.92 24.63 -3.03
C HIS A 151 23.26 26.12 -3.18
N GLU A 152 22.32 27.03 -2.85
CA GLU A 152 22.56 28.49 -2.88
C GLU A 152 23.62 28.86 -1.84
N ASN A 153 23.65 28.12 -0.71
CA ASN A 153 24.56 28.35 0.38
C ASN A 153 25.79 27.41 0.33
N HIS A 154 26.10 26.90 -0.88
CA HIS A 154 27.26 26.10 -1.25
C HIS A 154 27.48 24.87 -0.38
N HIS A 155 26.41 24.12 -0.15
CA HIS A 155 26.41 22.87 0.58
C HIS A 155 25.88 21.77 -0.33
N ILE A 156 26.43 20.57 -0.21
CA ILE A 156 26.04 19.35 -0.92
C ILE A 156 25.54 18.44 0.19
N HIS A 157 24.31 17.96 0.07
CA HIS A 157 23.69 17.12 1.09
C HIS A 157 24.37 15.73 1.24
N ARG A 158 24.54 15.03 0.10
CA ARG A 158 25.17 13.72 -0.08
C ARG A 158 24.31 12.52 0.36
N ASP A 159 23.11 12.76 0.92
CA ASP A 159 22.21 11.65 1.27
C ASP A 159 20.71 12.04 1.12
N ILE A 160 20.36 12.60 -0.05
CA ILE A 160 18.98 12.94 -0.40
C ILE A 160 18.23 11.63 -0.66
N LYS A 161 17.20 11.38 0.13
CA LYS A 161 16.35 10.19 0.03
C LYS A 161 15.05 10.44 0.75
N SER A 162 14.01 9.64 0.46
CA SER A 162 12.69 9.84 1.08
C SER A 162 12.69 9.65 2.61
N ALA A 163 13.63 8.87 3.15
CA ALA A 163 13.76 8.70 4.62
C ALA A 163 14.27 9.99 5.27
N ASN A 164 14.95 10.85 4.48
CA ASN A 164 15.53 12.13 4.95
C ASN A 164 14.67 13.33 4.61
N ILE A 165 13.42 13.09 4.19
CA ILE A 165 12.44 14.15 3.95
C ILE A 165 11.34 13.94 4.98
N LEU A 166 11.35 14.76 5.99
CA LEU A 166 10.39 14.66 7.10
C LEU A 166 9.18 15.55 6.87
N LEU A 167 8.07 15.29 7.57
CA LEU A 167 6.81 15.98 7.32
C LEU A 167 6.21 16.50 8.58
N ASP A 168 6.00 17.81 8.62
CA ASP A 168 5.45 18.47 9.77
C ASP A 168 3.90 18.31 9.83
N GLU A 169 3.26 19.05 10.77
CA GLU A 169 1.82 19.10 11.04
C GLU A 169 0.96 19.48 9.82
N ALA A 170 1.53 20.23 8.86
CA ALA A 170 0.86 20.65 7.64
C ALA A 170 1.38 19.89 6.40
N PHE A 171 2.14 18.78 6.62
CA PHE A 171 2.79 17.96 5.59
C PHE A 171 3.82 18.79 4.76
N THR A 172 4.44 19.79 5.39
CA THR A 172 5.49 20.59 4.77
C THR A 172 6.72 19.70 4.78
N ALA A 173 7.41 19.60 3.63
CA ALA A 173 8.65 18.82 3.47
C ALA A 173 9.79 19.50 4.20
N LYS A 174 10.53 18.71 4.97
CA LYS A 174 11.69 19.16 5.75
C LYS A 174 12.89 18.27 5.48
N ILE A 175 13.91 18.76 4.76
CA ILE A 175 15.17 18.04 4.53
C ILE A 175 15.87 17.83 5.87
N SER A 176 16.27 16.58 6.10
CA SER A 176 16.90 16.07 7.32
C SER A 176 18.28 15.42 7.03
N ASP A 177 19.06 15.14 8.10
CA ASP A 177 20.35 14.42 8.08
C ASP A 177 21.44 15.09 7.30
N PHE A 178 22.09 16.04 7.95
CA PHE A 178 23.20 16.77 7.38
C PHE A 178 24.53 16.24 7.91
N GLY A 179 24.52 15.00 8.43
CA GLY A 179 25.70 14.32 8.96
C GLY A 179 26.81 14.06 7.95
N LEU A 180 26.46 13.98 6.65
CA LEU A 180 27.40 13.70 5.54
C LEU A 180 27.63 14.97 4.68
N ALA A 181 26.87 16.05 4.92
CA ALA A 181 26.93 17.29 4.15
C ALA A 181 28.28 17.99 4.16
N ARG A 182 28.64 18.74 3.09
CA ARG A 182 29.77 19.68 3.11
C ARG A 182 29.84 20.56 1.85
N ALA A 183 30.92 21.34 1.64
CA ALA A 183 31.06 22.22 0.47
C ALA A 183 31.66 21.47 -0.72
N ILE A 196 33.64 6.61 0.09
CA ILE A 196 32.37 6.74 -0.64
C ILE A 196 31.19 6.45 0.31
N VAL A 197 30.36 7.48 0.55
CA VAL A 197 29.17 7.36 1.43
C VAL A 197 27.86 7.79 0.70
N GLY A 198 26.71 7.46 1.30
CA GLY A 198 25.39 7.74 0.76
C GLY A 198 24.55 6.47 0.71
N THR A 199 23.39 6.51 0.03
CA THR A 199 22.51 5.34 -0.09
C THR A 199 22.52 4.86 -1.55
N THR A 200 23.09 3.66 -1.80
CA THR A 200 23.35 3.09 -3.13
C THR A 200 22.15 3.24 -4.12
N ALA A 201 20.91 2.92 -3.69
CA ALA A 201 19.72 3.00 -4.56
C ALA A 201 19.37 4.43 -5.06
N TYR A 202 19.95 5.45 -4.44
CA TYR A 202 19.72 6.87 -4.75
C TYR A 202 20.95 7.53 -5.36
N MET A 203 22.09 6.86 -5.36
CA MET A 203 23.35 7.44 -5.82
C MET A 203 23.57 7.52 -7.32
N ALA A 204 24.07 8.66 -7.74
CA ALA A 204 24.44 8.97 -9.11
C ALA A 204 25.66 8.11 -9.48
N PRO A 205 25.84 7.75 -10.76
CA PRO A 205 27.02 6.95 -11.13
C PRO A 205 28.35 7.57 -10.68
N GLU A 206 28.52 8.90 -10.83
CA GLU A 206 29.75 9.59 -10.44
C GLU A 206 29.98 9.56 -8.94
N ALA A 207 28.90 9.58 -8.14
CA ALA A 207 28.96 9.51 -6.68
C ALA A 207 29.47 8.12 -6.25
N LEU A 208 29.01 7.07 -6.94
CA LEU A 208 29.45 5.69 -6.68
C LEU A 208 30.93 5.52 -6.97
N ARG A 209 31.50 6.37 -7.85
CA ARG A 209 32.91 6.39 -8.24
C ARG A 209 33.79 7.30 -7.35
N GLY A 210 33.16 8.06 -6.44
CA GLY A 210 33.89 8.92 -5.52
C GLY A 210 33.83 10.42 -5.74
N GLU A 211 33.14 10.88 -6.79
CA GLU A 211 32.98 12.33 -7.04
C GLU A 211 32.03 12.97 -6.03
N ILE A 212 32.31 14.22 -5.62
CA ILE A 212 31.49 15.01 -4.69
C ILE A 212 31.03 16.25 -5.48
N THR A 213 29.72 16.32 -5.79
CA THR A 213 29.13 17.39 -6.60
C THR A 213 27.65 17.61 -6.28
N PRO A 214 27.13 18.88 -6.34
CA PRO A 214 25.69 19.09 -6.11
C PRO A 214 24.83 18.40 -7.17
N LYS A 215 25.42 18.06 -8.33
CA LYS A 215 24.78 17.38 -9.45
C LYS A 215 24.32 15.98 -9.04
N SER A 216 25.01 15.36 -8.06
CA SER A 216 24.65 14.04 -7.53
C SER A 216 23.39 14.16 -6.69
N ASP A 217 23.20 15.30 -5.96
CA ASP A 217 21.99 15.58 -5.16
C ASP A 217 20.76 15.62 -6.08
N ILE A 218 20.90 16.20 -7.28
CA ILE A 218 19.86 16.29 -8.29
C ILE A 218 19.41 14.89 -8.71
N TYR A 219 20.37 14.01 -9.02
CA TYR A 219 20.13 12.62 -9.38
C TYR A 219 19.29 11.94 -8.30
N SER A 220 19.75 12.00 -7.03
CA SER A 220 19.04 11.43 -5.88
C SER A 220 17.59 11.98 -5.74
N PHE A 221 17.41 13.29 -5.99
CA PHE A 221 16.09 13.90 -5.96
C PHE A 221 15.19 13.31 -7.06
N GLY A 222 15.78 12.94 -8.20
CA GLY A 222 15.07 12.28 -9.29
C GLY A 222 14.46 10.96 -8.81
N VAL A 223 15.20 10.20 -7.98
CA VAL A 223 14.73 8.92 -7.44
C VAL A 223 13.58 9.18 -6.49
N VAL A 224 13.70 10.21 -5.64
CA VAL A 224 12.64 10.64 -4.72
C VAL A 224 11.37 10.97 -5.52
N LEU A 225 11.50 11.71 -6.62
CA LEU A 225 10.35 12.03 -7.45
C LEU A 225 9.68 10.77 -8.00
N LEU A 226 10.45 9.75 -8.39
CA LEU A 226 9.87 8.48 -8.82
C LEU A 226 9.14 7.79 -7.67
N GLU A 227 9.67 7.88 -6.44
CA GLU A 227 9.00 7.32 -5.26
C GLU A 227 7.66 8.02 -5.03
N ILE A 228 7.61 9.35 -5.21
CA ILE A 228 6.38 10.13 -5.07
C ILE A 228 5.34 9.75 -6.14
N ILE A 229 5.76 9.57 -7.41
CA ILE A 229 4.84 9.21 -8.50
C ILE A 229 4.27 7.80 -8.33
N THR A 230 5.15 6.85 -8.00
CA THR A 230 4.85 5.42 -7.96
C THR A 230 4.43 4.85 -6.60
N GLY A 231 4.89 5.47 -5.51
CA GLY A 231 4.68 4.97 -4.16
C GLY A 231 5.52 3.73 -3.87
N LEU A 232 6.49 3.44 -4.75
CA LEU A 232 7.35 2.29 -4.64
C LEU A 232 8.67 2.62 -3.93
N PRO A 233 9.26 1.70 -3.12
CA PRO A 233 10.57 2.01 -2.52
C PRO A 233 11.68 1.99 -3.59
N ALA A 234 12.77 2.78 -3.39
CA ALA A 234 13.88 2.92 -4.35
C ALA A 234 14.55 1.59 -4.69
N VAL A 235 14.53 0.63 -3.75
CA VAL A 235 15.04 -0.71 -3.92
C VAL A 235 14.11 -1.71 -3.27
N ASP A 236 13.86 -2.82 -3.96
CA ASP A 236 13.07 -3.95 -3.49
C ASP A 236 13.68 -5.21 -4.13
N GLU A 237 14.33 -6.05 -3.29
CA GLU A 237 14.97 -7.31 -3.73
C GLU A 237 13.99 -8.29 -4.36
N HIS A 238 12.70 -8.24 -3.92
CA HIS A 238 11.61 -9.09 -4.41
C HIS A 238 10.79 -8.37 -5.51
N ARG A 239 11.44 -7.55 -6.36
CA ARG A 239 10.79 -6.80 -7.44
C ARG A 239 11.63 -6.79 -8.74
N GLU A 240 10.96 -6.72 -9.91
CA GLU A 240 11.58 -6.57 -11.21
C GLU A 240 11.08 -5.25 -11.85
N PRO A 241 11.95 -4.19 -12.00
CA PRO A 241 13.37 -4.12 -11.62
C PRO A 241 13.54 -3.92 -10.12
N GLN A 242 14.67 -4.38 -9.57
CA GLN A 242 14.95 -4.23 -8.14
C GLN A 242 15.10 -2.76 -7.78
N LEU A 243 15.73 -1.98 -8.67
CA LEU A 243 15.96 -0.55 -8.48
C LEU A 243 14.95 0.26 -9.24
N LEU A 244 14.27 1.15 -8.52
CA LEU A 244 13.26 2.03 -9.08
C LEU A 244 13.78 2.90 -10.21
N LEU A 245 15.03 3.42 -10.11
CA LEU A 245 15.60 4.26 -11.16
C LEU A 245 15.61 3.57 -12.54
N ASP A 246 15.58 2.22 -12.58
CA ASP A 246 15.57 1.45 -13.82
C ASP A 246 14.26 1.50 -14.60
N ILE A 247 13.17 2.00 -13.98
CA ILE A 247 11.91 2.13 -14.68
C ILE A 247 12.00 3.20 -15.76
N LYS A 248 12.97 4.15 -15.63
CA LYS A 248 13.23 5.21 -16.62
C LYS A 248 13.55 4.54 -17.98
N GLU A 249 14.39 3.49 -17.96
CA GLU A 249 14.80 2.72 -19.13
C GLU A 249 13.64 1.96 -19.74
N GLU A 250 12.78 1.33 -18.91
CA GLU A 250 11.58 0.61 -19.35
C GLU A 250 10.64 1.52 -20.10
N ILE A 251 10.44 2.76 -19.60
CA ILE A 251 9.57 3.78 -20.19
C ILE A 251 10.17 4.32 -21.51
N GLU A 252 11.50 4.63 -21.52
CA GLU A 252 12.24 5.12 -22.69
C GLU A 252 12.25 4.10 -23.84
N ASP A 253 12.37 2.81 -23.50
CA ASP A 253 12.39 1.71 -24.47
C ASP A 253 10.95 1.26 -24.87
N GLU A 254 9.91 1.98 -24.37
CA GLU A 254 8.47 1.78 -24.63
C GLU A 254 7.94 0.38 -24.20
N GLU A 255 8.64 -0.27 -23.24
CA GLU A 255 8.26 -1.57 -22.67
C GLU A 255 7.13 -1.34 -21.63
N LYS A 256 7.13 -0.13 -21.03
CA LYS A 256 6.15 0.35 -20.05
C LYS A 256 5.86 1.84 -20.28
N THR A 257 4.83 2.35 -19.61
CA THR A 257 4.44 3.77 -19.65
C THR A 257 4.46 4.32 -18.24
N ILE A 258 4.49 5.66 -18.07
CA ILE A 258 4.45 6.23 -16.73
C ILE A 258 3.09 5.89 -16.09
N GLU A 259 2.01 5.83 -16.91
CA GLU A 259 0.65 5.47 -16.48
C GLU A 259 0.63 4.11 -15.79
N ASP A 260 1.38 3.14 -16.31
CA ASP A 260 1.50 1.80 -15.74
C ASP A 260 2.06 1.83 -14.32
N TYR A 261 2.93 2.80 -14.02
CA TYR A 261 3.63 2.92 -12.75
C TYR A 261 3.03 3.88 -11.72
N ILE A 262 2.07 4.74 -12.12
CA ILE A 262 1.43 5.69 -11.22
C ILE A 262 0.87 4.95 -10.01
N ASP A 263 1.14 5.43 -8.78
CA ASP A 263 0.62 4.89 -7.53
C ASP A 263 -0.90 4.80 -7.63
N LYS A 264 -1.44 3.60 -7.50
CA LYS A 264 -2.90 3.40 -7.59
C LYS A 264 -3.61 3.85 -6.31
N LYS A 265 -2.85 4.17 -5.26
CA LYS A 265 -3.41 4.62 -3.98
C LYS A 265 -3.75 6.13 -3.97
N MET A 266 -4.07 6.71 -5.13
CA MET A 266 -4.51 8.12 -5.27
C MET A 266 -5.76 8.12 -6.14
N ASN A 267 -6.63 9.10 -5.98
CA ASN A 267 -7.85 9.27 -6.80
C ASN A 267 -7.82 10.62 -7.55
N ASP A 268 -6.82 11.48 -7.27
CA ASP A 268 -6.74 12.85 -7.79
C ASP A 268 -5.55 13.12 -8.73
N ALA A 269 -4.85 12.08 -9.20
CA ALA A 269 -3.74 12.29 -10.13
C ALA A 269 -4.31 12.58 -11.53
N ASP A 270 -3.66 13.46 -12.28
CA ASP A 270 -4.07 13.74 -13.66
C ASP A 270 -2.82 13.51 -14.48
N SER A 271 -2.98 12.91 -15.65
CA SER A 271 -1.88 12.56 -16.55
C SER A 271 -0.93 13.70 -16.87
N THR A 272 -1.45 14.92 -17.09
CA THR A 272 -0.65 16.10 -17.43
C THR A 272 0.39 16.40 -16.35
N SER A 273 -0.04 16.61 -15.11
CA SER A 273 0.89 16.93 -14.03
C SER A 273 1.79 15.73 -13.65
N VAL A 274 1.28 14.49 -13.74
CA VAL A 274 2.12 13.31 -13.47
C VAL A 274 3.25 13.24 -14.50
N GLU A 275 2.91 13.40 -15.80
CA GLU A 275 3.90 13.40 -16.89
C GLU A 275 4.91 14.53 -16.71
N ALA A 276 4.45 15.72 -16.24
CA ALA A 276 5.31 16.87 -15.96
C ALA A 276 6.29 16.56 -14.82
N MET A 277 5.83 15.90 -13.72
CA MET A 277 6.75 15.51 -12.65
C MET A 277 7.73 14.41 -13.14
N TYR A 278 7.23 13.47 -13.97
CA TYR A 278 8.08 12.42 -14.52
C TYR A 278 9.15 12.99 -15.41
N SER A 279 8.82 14.03 -16.21
CA SER A 279 9.77 14.70 -17.10
C SER A 279 10.89 15.33 -16.25
N VAL A 280 10.56 15.92 -15.08
CA VAL A 280 11.54 16.47 -14.16
C VAL A 280 12.43 15.34 -13.64
N ALA A 281 11.84 14.22 -13.14
CA ALA A 281 12.56 13.07 -12.61
C ALA A 281 13.51 12.50 -13.65
N SER A 282 13.03 12.32 -14.90
CA SER A 282 13.81 11.81 -16.03
C SER A 282 15.03 12.69 -16.31
N GLN A 283 14.86 14.03 -16.33
CA GLN A 283 15.96 15.00 -16.51
C GLN A 283 16.98 14.91 -15.37
N CYS A 284 16.50 14.79 -14.11
CA CYS A 284 17.37 14.64 -12.93
C CYS A 284 18.21 13.37 -13.02
N LEU A 285 17.64 12.31 -13.61
CA LEU A 285 18.27 10.98 -13.71
C LEU A 285 19.17 10.77 -14.93
N HIS A 286 19.55 11.86 -15.63
CA HIS A 286 20.45 11.76 -16.77
C HIS A 286 21.76 11.16 -16.26
N GLU A 287 22.28 10.15 -16.94
CA GLU A 287 23.53 9.47 -16.56
C GLU A 287 24.75 10.40 -16.57
N LYS A 288 24.74 11.40 -17.47
CA LYS A 288 25.77 12.43 -17.61
C LYS A 288 25.42 13.60 -16.69
N LYS A 289 26.20 13.82 -15.62
CA LYS A 289 25.99 14.85 -14.60
C LYS A 289 25.77 16.27 -15.15
N ASN A 290 26.53 16.65 -16.18
CA ASN A 290 26.46 17.98 -16.80
C ASN A 290 25.19 18.22 -17.62
N LYS A 291 24.45 17.14 -17.95
CA LYS A 291 23.20 17.22 -18.71
C LYS A 291 21.98 17.32 -17.80
N ARG A 292 22.17 17.13 -16.48
CA ARG A 292 21.10 17.23 -15.48
C ARG A 292 20.75 18.71 -15.25
N PRO A 293 19.48 19.05 -14.94
CA PRO A 293 19.17 20.45 -14.62
C PRO A 293 19.74 20.81 -13.24
N ASP A 294 19.98 22.10 -12.96
CA ASP A 294 20.41 22.52 -11.64
C ASP A 294 19.15 22.59 -10.76
N ILE A 295 19.30 22.78 -9.43
CA ILE A 295 18.13 22.81 -8.55
C ILE A 295 17.15 23.99 -8.87
N LYS A 296 17.66 25.16 -9.36
CA LYS A 296 16.84 26.31 -9.71
C LYS A 296 15.91 25.94 -10.86
N LYS A 297 16.42 25.18 -11.84
CA LYS A 297 15.63 24.71 -12.98
C LYS A 297 14.59 23.69 -12.49
N VAL A 298 14.98 22.77 -11.58
CA VAL A 298 14.07 21.78 -10.99
C VAL A 298 12.89 22.50 -10.31
N GLN A 299 13.19 23.54 -9.50
CA GLN A 299 12.15 24.35 -8.82
C GLN A 299 11.18 24.96 -9.82
N GLN A 300 11.73 25.61 -10.88
CA GLN A 300 10.97 26.25 -11.94
C GLN A 300 9.99 25.27 -12.59
N LEU A 301 10.48 24.08 -12.94
CA LEU A 301 9.69 23.05 -13.60
C LEU A 301 8.57 22.55 -12.70
N LEU A 302 8.85 22.36 -11.41
CA LEU A 302 7.86 21.89 -10.45
C LEU A 302 6.81 22.97 -10.18
N GLN A 303 7.21 24.26 -10.23
CA GLN A 303 6.28 25.39 -10.07
C GLN A 303 5.34 25.47 -11.26
N GLU A 304 5.88 25.33 -12.49
CA GLU A 304 5.12 25.35 -13.73
C GLU A 304 4.07 24.22 -13.77
N MET A 305 4.41 23.04 -13.19
CA MET A 305 3.58 21.84 -13.11
C MET A 305 2.21 22.10 -12.49
N THR A 306 2.15 22.98 -11.47
CA THR A 306 0.91 23.28 -10.76
C THR A 306 0.29 24.64 -11.17
N ARG B 12 -39.25 -13.05 -8.17
CA ARG B 12 -38.56 -12.49 -7.00
C ARG B 12 -37.44 -11.49 -7.35
N PHE B 13 -37.07 -11.43 -8.66
CA PHE B 13 -36.11 -10.48 -9.23
C PHE B 13 -36.80 -9.67 -10.33
N HIS B 14 -36.29 -8.47 -10.61
CA HIS B 14 -36.88 -7.59 -11.62
C HIS B 14 -36.39 -8.00 -13.01
N SER B 15 -37.34 -8.28 -13.93
CA SER B 15 -37.03 -8.66 -15.32
C SER B 15 -36.82 -7.36 -16.13
N PHE B 16 -35.55 -6.94 -16.23
CA PHE B 16 -35.15 -5.70 -16.87
C PHE B 16 -34.89 -5.83 -18.36
N SER B 17 -35.00 -4.69 -19.08
CA SER B 17 -34.67 -4.53 -20.49
C SER B 17 -33.27 -3.83 -20.52
N PHE B 18 -32.64 -3.74 -21.72
CA PHE B 18 -31.30 -3.14 -21.83
C PHE B 18 -31.20 -1.59 -21.62
N TYR B 19 -31.91 -0.76 -22.43
CA TYR B 19 -31.86 0.73 -22.32
C TYR B 19 -31.96 1.25 -20.88
N GLU B 20 -32.91 0.69 -20.09
CA GLU B 20 -33.17 1.00 -18.69
C GLU B 20 -31.87 1.14 -17.94
N LEU B 21 -30.95 0.17 -18.21
CA LEU B 21 -29.62 0.01 -17.65
C LEU B 21 -28.55 0.87 -18.31
N LYS B 22 -28.70 1.12 -19.61
CA LYS B 22 -27.79 1.99 -20.38
C LYS B 22 -27.96 3.47 -19.98
N ASN B 23 -29.19 3.85 -19.72
CA ASN B 23 -29.49 5.24 -19.38
C ASN B 23 -29.20 5.55 -17.88
N VAL B 24 -29.14 4.53 -16.99
CA VAL B 24 -28.78 4.73 -15.56
C VAL B 24 -27.26 4.73 -15.34
N THR B 25 -26.49 4.19 -16.32
CA THR B 25 -25.03 4.10 -16.31
C THR B 25 -24.37 5.15 -17.22
N ASN B 26 -25.19 6.00 -17.89
CA ASN B 26 -24.78 7.06 -18.83
C ASN B 26 -24.05 6.41 -20.03
N ASN B 27 -24.80 5.55 -20.79
CA ASN B 27 -24.37 4.80 -21.96
C ASN B 27 -23.21 3.87 -21.64
N PHE B 28 -23.26 3.17 -20.49
CA PHE B 28 -22.20 2.28 -20.03
C PHE B 28 -20.81 2.97 -20.13
N ASP B 29 -20.70 4.19 -19.57
CA ASP B 29 -19.53 5.07 -19.57
C ASP B 29 -18.31 4.46 -18.84
N GLU B 30 -17.31 4.01 -19.62
CA GLU B 30 -16.09 3.37 -19.14
C GLU B 30 -15.13 4.27 -18.30
N ARG B 31 -15.42 5.57 -18.18
CA ARG B 31 -14.62 6.48 -17.37
C ARG B 31 -14.76 6.12 -15.88
N PRO B 32 -13.67 6.12 -15.08
CA PRO B 32 -13.79 5.77 -13.65
C PRO B 32 -14.69 6.71 -12.85
N ILE B 33 -15.39 6.18 -11.84
CA ILE B 33 -16.30 6.92 -10.93
C ILE B 33 -15.60 8.00 -10.08
N SER B 34 -14.31 7.77 -9.74
CA SER B 34 -13.49 8.63 -8.89
C SER B 34 -13.10 9.96 -9.56
N VAL B 35 -13.48 10.13 -10.84
CA VAL B 35 -13.15 11.28 -11.69
C VAL B 35 -14.39 11.86 -12.43
N GLY B 36 -15.57 11.29 -12.15
CA GLY B 36 -16.81 11.70 -12.78
C GLY B 36 -17.15 10.92 -14.04
N GLY B 37 -17.12 9.59 -13.89
CA GLY B 37 -17.45 8.59 -14.90
C GLY B 37 -18.28 7.50 -14.24
N ASN B 38 -18.49 6.35 -14.89
CA ASN B 38 -19.35 5.32 -14.30
C ASN B 38 -18.69 3.95 -13.97
N LYS B 39 -17.56 3.57 -14.59
CA LYS B 39 -16.83 2.29 -14.38
C LYS B 39 -16.31 2.09 -12.97
N MET B 40 -16.68 0.98 -12.34
CA MET B 40 -16.21 0.67 -10.99
C MET B 40 -15.14 -0.38 -11.08
N GLY B 41 -15.30 -1.27 -12.05
CA GLY B 41 -14.34 -2.33 -12.25
C GLY B 41 -14.70 -3.32 -13.33
N GLU B 42 -13.90 -4.39 -13.36
CA GLU B 42 -13.82 -5.56 -14.23
C GLU B 42 -13.42 -6.71 -13.26
N GLY B 43 -13.57 -7.97 -13.67
CA GLY B 43 -13.21 -9.05 -12.78
C GLY B 43 -13.64 -10.45 -13.18
N GLY B 44 -14.93 -10.60 -13.43
CA GLY B 44 -15.48 -11.88 -13.84
C GLY B 44 -15.38 -12.00 -15.35
N PHE B 45 -16.53 -12.19 -15.96
CA PHE B 45 -16.61 -12.26 -17.41
C PHE B 45 -17.38 -11.03 -17.83
N GLY B 46 -16.96 -9.88 -17.32
CA GLY B 46 -17.61 -8.62 -17.61
C GLY B 46 -17.21 -7.41 -16.79
N VAL B 47 -17.84 -6.28 -17.12
CA VAL B 47 -17.62 -4.96 -16.55
C VAL B 47 -18.69 -4.61 -15.54
N VAL B 48 -18.28 -3.87 -14.51
CA VAL B 48 -19.18 -3.45 -13.45
C VAL B 48 -19.36 -1.95 -13.53
N TYR B 49 -20.61 -1.53 -13.76
CA TYR B 49 -20.97 -0.12 -13.81
C TYR B 49 -21.89 0.26 -12.69
N LYS B 50 -21.76 1.51 -12.26
CA LYS B 50 -22.62 2.12 -11.26
C LYS B 50 -23.84 2.61 -11.98
N GLY B 51 -24.99 2.49 -11.32
CA GLY B 51 -26.26 2.97 -11.86
C GLY B 51 -27.19 3.35 -10.73
N TYR B 52 -28.17 4.16 -11.02
CA TYR B 52 -29.15 4.55 -10.02
C TYR B 52 -30.50 4.20 -10.57
N VAL B 53 -31.24 3.23 -9.97
CA VAL B 53 -32.63 2.94 -10.39
C VAL B 53 -33.54 3.34 -9.23
N ASN B 54 -34.50 4.24 -9.46
CA ASN B 54 -35.29 4.86 -8.39
C ASN B 54 -34.21 5.57 -7.53
N ASN B 55 -34.31 5.62 -6.24
CA ASN B 55 -33.22 6.30 -5.58
C ASN B 55 -32.16 5.37 -5.06
N THR B 56 -32.12 4.10 -5.57
CA THR B 56 -31.17 3.02 -5.25
C THR B 56 -29.97 3.01 -6.18
N THR B 57 -28.79 2.82 -5.59
CA THR B 57 -27.54 2.69 -6.30
C THR B 57 -27.37 1.22 -6.53
N VAL B 58 -27.07 0.87 -7.78
CA VAL B 58 -26.95 -0.50 -8.23
C VAL B 58 -25.62 -0.68 -8.91
N ALA B 59 -25.12 -1.93 -8.86
CA ALA B 59 -23.95 -2.41 -9.56
C ALA B 59 -24.52 -3.27 -10.67
N VAL B 60 -24.30 -2.82 -11.91
CA VAL B 60 -24.80 -3.51 -13.09
C VAL B 60 -23.66 -4.25 -13.72
N LYS B 61 -23.68 -5.59 -13.67
CA LYS B 61 -22.64 -6.38 -14.29
C LYS B 61 -23.07 -6.71 -15.70
N LYS B 62 -22.38 -6.12 -16.68
CA LYS B 62 -22.61 -6.33 -18.11
C LYS B 62 -21.68 -7.46 -18.52
N LEU B 63 -22.23 -8.65 -18.85
CA LEU B 63 -21.44 -9.83 -19.21
C LEU B 63 -20.87 -9.75 -20.63
N ALA B 64 -19.57 -10.12 -20.78
CA ALA B 64 -18.78 -10.20 -22.01
C ALA B 64 -17.80 -11.38 -21.91
N ASP B 68 -12.14 -16.97 -25.66
CA ASP B 68 -11.81 -17.65 -24.41
C ASP B 68 -12.96 -18.56 -23.92
N ILE B 69 -14.08 -17.95 -23.48
CA ILE B 69 -15.31 -18.58 -22.97
C ILE B 69 -16.40 -18.64 -24.07
N THR B 70 -17.21 -19.71 -24.11
CA THR B 70 -18.31 -19.93 -25.06
C THR B 70 -19.47 -18.94 -24.82
N THR B 71 -20.26 -18.65 -25.87
CA THR B 71 -21.43 -17.78 -25.80
C THR B 71 -22.61 -18.49 -25.08
N GLU B 72 -22.62 -19.85 -25.13
CA GLU B 72 -23.63 -20.71 -24.50
C GLU B 72 -23.29 -20.95 -23.03
N GLU B 73 -21.99 -21.19 -22.74
CA GLU B 73 -21.50 -21.43 -21.39
C GLU B 73 -21.59 -20.18 -20.51
N LEU B 74 -21.66 -19.00 -21.16
CA LEU B 74 -21.82 -17.71 -20.47
C LEU B 74 -23.26 -17.59 -19.97
N LYS B 75 -24.24 -18.05 -20.79
CA LYS B 75 -25.66 -18.08 -20.44
C LYS B 75 -25.89 -19.01 -19.26
N GLN B 76 -25.17 -20.16 -19.22
CA GLN B 76 -25.24 -21.15 -18.14
C GLN B 76 -24.74 -20.55 -16.83
N GLN B 77 -23.68 -19.69 -16.89
CA GLN B 77 -23.08 -18.98 -15.75
C GLN B 77 -24.03 -17.90 -15.21
N PHE B 78 -24.76 -17.25 -16.13
CA PHE B 78 -25.77 -16.22 -15.84
C PHE B 78 -26.94 -16.87 -15.10
N ASP B 79 -27.50 -17.97 -15.65
CA ASP B 79 -28.65 -18.58 -15.00
C ASP B 79 -28.25 -19.44 -13.77
N GLN B 80 -26.95 -19.66 -13.52
CA GLN B 80 -26.61 -20.41 -12.32
C GLN B 80 -26.50 -19.47 -11.12
N GLU B 81 -26.07 -18.23 -11.38
CA GLU B 81 -26.01 -17.15 -10.42
C GLU B 81 -27.42 -16.91 -9.92
N ILE B 82 -28.38 -16.80 -10.87
CA ILE B 82 -29.80 -16.53 -10.60
C ILE B 82 -30.42 -17.61 -9.69
N LYS B 83 -30.20 -18.90 -10.02
CA LYS B 83 -30.78 -20.01 -9.25
C LYS B 83 -30.14 -20.15 -7.85
N VAL B 84 -28.84 -19.78 -7.68
CA VAL B 84 -28.21 -19.78 -6.36
C VAL B 84 -28.84 -18.62 -5.56
N MET B 85 -28.93 -17.38 -6.16
CA MET B 85 -29.51 -16.17 -5.55
C MET B 85 -30.97 -16.30 -5.09
N ALA B 86 -31.78 -17.06 -5.85
CA ALA B 86 -33.16 -17.37 -5.54
C ALA B 86 -33.30 -18.19 -4.27
N LYS B 87 -32.35 -19.07 -3.99
CA LYS B 87 -32.34 -19.97 -2.84
C LYS B 87 -31.58 -19.41 -1.64
N CYS B 88 -30.48 -18.71 -1.89
CA CYS B 88 -29.59 -18.21 -0.87
C CYS B 88 -29.71 -16.73 -0.56
N GLN B 89 -30.25 -16.43 0.61
CA GLN B 89 -30.41 -15.07 1.13
C GLN B 89 -29.77 -14.98 2.54
N HIS B 90 -28.73 -14.15 2.71
CA HIS B 90 -28.00 -14.00 3.97
C HIS B 90 -27.31 -12.63 4.04
N GLU B 91 -27.02 -12.14 5.25
CA GLU B 91 -26.36 -10.86 5.53
C GLU B 91 -24.98 -10.82 4.92
N ASN B 92 -24.32 -11.98 4.81
CA ASN B 92 -22.96 -12.08 4.31
C ASN B 92 -22.89 -12.65 2.89
N LEU B 93 -23.97 -12.42 2.09
CA LEU B 93 -24.04 -12.75 0.64
C LEU B 93 -24.63 -11.54 -0.07
N VAL B 94 -24.07 -11.13 -1.21
CA VAL B 94 -24.61 -10.01 -2.00
C VAL B 94 -26.07 -10.26 -2.42
N GLU B 95 -26.81 -9.23 -2.79
CA GLU B 95 -28.21 -9.46 -3.14
C GLU B 95 -28.50 -9.06 -4.57
N LEU B 96 -28.97 -10.01 -5.38
CA LEU B 96 -29.37 -9.78 -6.77
C LEU B 96 -30.73 -9.11 -6.75
N LEU B 97 -30.82 -7.93 -7.36
CA LEU B 97 -32.03 -7.13 -7.46
C LEU B 97 -32.82 -7.45 -8.71
N GLY B 98 -32.08 -7.78 -9.76
CA GLY B 98 -32.68 -8.09 -11.06
C GLY B 98 -31.70 -8.47 -12.13
N PHE B 99 -32.24 -8.92 -13.26
CA PHE B 99 -31.48 -9.38 -14.40
C PHE B 99 -32.12 -9.02 -15.71
N SER B 100 -31.29 -8.89 -16.76
CA SER B 100 -31.66 -8.61 -18.13
C SER B 100 -31.08 -9.71 -19.02
N SER B 101 -31.88 -10.26 -19.96
CA SER B 101 -31.46 -11.33 -20.89
C SER B 101 -32.23 -11.36 -22.23
N ASP B 102 -32.97 -10.27 -22.57
CA ASP B 102 -33.79 -10.18 -23.78
C ASP B 102 -32.97 -10.30 -25.08
N GLY B 103 -32.23 -9.24 -25.43
CA GLY B 103 -31.35 -9.26 -26.60
C GLY B 103 -30.16 -10.17 -26.34
N ASP B 104 -29.23 -10.31 -27.33
CA ASP B 104 -28.04 -11.16 -27.20
C ASP B 104 -26.99 -10.57 -26.20
N ASP B 105 -27.52 -9.99 -25.11
CA ASP B 105 -26.83 -9.34 -23.98
C ASP B 105 -27.42 -9.85 -22.65
N LEU B 106 -26.53 -10.05 -21.66
CA LEU B 106 -26.85 -10.55 -20.33
C LEU B 106 -26.27 -9.63 -19.26
N CYS B 107 -27.16 -9.06 -18.40
CA CYS B 107 -26.86 -8.13 -17.32
C CYS B 107 -27.39 -8.66 -16.01
N LEU B 108 -26.71 -8.33 -14.91
CA LEU B 108 -27.11 -8.70 -13.55
C LEU B 108 -27.04 -7.42 -12.71
N VAL B 109 -28.08 -7.18 -11.90
CA VAL B 109 -28.20 -5.93 -11.13
C VAL B 109 -28.22 -6.26 -9.65
N TYR B 110 -27.34 -5.62 -8.88
CA TYR B 110 -27.19 -5.86 -7.45
C TYR B 110 -27.25 -4.57 -6.71
N VAL B 111 -27.27 -4.68 -5.39
CA VAL B 111 -27.19 -3.56 -4.49
C VAL B 111 -25.72 -3.13 -4.54
N TYR B 112 -25.49 -1.85 -4.73
CA TYR B 112 -24.15 -1.28 -4.83
C TYR B 112 -23.51 -1.34 -3.46
N MET B 113 -22.25 -1.83 -3.37
CA MET B 113 -21.48 -1.99 -2.13
C MET B 113 -20.56 -0.80 -2.07
N PRO B 114 -20.78 0.17 -1.17
CA PRO B 114 -19.99 1.43 -1.23
C PRO B 114 -18.51 1.34 -0.98
N ASN B 115 -18.05 0.22 -0.41
CA ASN B 115 -16.65 0.02 -0.11
C ASN B 115 -15.97 -0.98 -1.05
N GLY B 116 -16.65 -1.33 -2.15
CA GLY B 116 -16.09 -2.21 -3.18
C GLY B 116 -15.67 -3.57 -2.70
N SER B 117 -14.53 -4.08 -3.19
CA SER B 117 -14.02 -5.40 -2.81
C SER B 117 -12.94 -5.36 -1.71
N LEU B 118 -12.76 -6.49 -1.02
CA LEU B 118 -11.71 -6.67 -0.03
C LEU B 118 -10.34 -6.53 -0.71
N LEU B 119 -10.20 -7.02 -1.96
CA LEU B 119 -8.97 -6.94 -2.75
C LEU B 119 -8.52 -5.49 -2.81
N ASP B 120 -9.43 -4.63 -3.26
CA ASP B 120 -9.17 -3.22 -3.46
C ASP B 120 -8.94 -2.48 -2.14
N ARG B 121 -9.64 -2.88 -1.07
CA ARG B 121 -9.44 -2.26 0.25
C ARG B 121 -8.12 -2.66 0.86
N LEU B 122 -7.66 -3.87 0.57
CA LEU B 122 -6.35 -4.34 1.04
C LEU B 122 -5.22 -3.65 0.31
N SER B 123 -5.41 -3.31 -0.97
CA SER B 123 -4.40 -2.58 -1.74
C SER B 123 -4.53 -1.08 -1.61
N CYS B 124 -5.56 -0.58 -0.88
CA CYS B 124 -5.88 0.84 -0.70
C CYS B 124 -6.14 1.55 -2.00
N LEU B 125 -6.74 0.88 -2.96
CA LEU B 125 -7.04 1.43 -4.27
C LEU B 125 -7.89 2.68 -4.16
N ASP B 126 -7.50 3.69 -4.93
CA ASP B 126 -8.17 4.98 -5.01
C ASP B 126 -8.01 5.82 -3.72
N GLY B 127 -7.00 5.48 -2.94
CA GLY B 127 -6.62 6.26 -1.76
C GLY B 127 -7.41 6.03 -0.52
N THR B 128 -8.13 4.93 -0.43
CA THR B 128 -8.93 4.55 0.74
C THR B 128 -7.96 4.18 1.89
N PRO B 129 -8.27 4.51 3.15
CA PRO B 129 -7.29 4.23 4.23
C PRO B 129 -7.08 2.75 4.50
N PRO B 130 -5.90 2.33 5.00
CA PRO B 130 -5.70 0.92 5.32
C PRO B 130 -6.71 0.39 6.33
N LEU B 131 -7.19 -0.86 6.15
CA LEU B 131 -8.11 -1.52 7.09
C LEU B 131 -7.33 -1.85 8.37
N SER B 132 -7.94 -1.61 9.49
CA SER B 132 -7.32 -1.90 10.77
C SER B 132 -7.35 -3.40 10.99
N TRP B 133 -6.52 -3.92 11.90
CA TRP B 133 -6.54 -5.34 12.24
C TRP B 133 -7.93 -5.73 12.76
N HIS B 134 -8.53 -4.85 13.58
CA HIS B 134 -9.86 -5.00 14.13
C HIS B 134 -10.89 -5.21 13.03
N MET B 135 -10.88 -4.37 11.99
CA MET B 135 -11.77 -4.50 10.84
C MET B 135 -11.50 -5.79 10.05
N ARG B 136 -10.23 -6.11 9.86
CA ARG B 136 -9.81 -7.32 9.17
C ARG B 136 -10.38 -8.57 9.84
N CYS B 137 -10.33 -8.63 11.19
CA CYS B 137 -10.91 -9.75 11.94
C CYS B 137 -12.42 -9.86 11.72
N LYS B 138 -13.17 -8.73 11.73
CA LYS B 138 -14.62 -8.70 11.49
C LYS B 138 -14.95 -9.17 10.07
N ILE B 139 -14.18 -8.74 9.08
CA ILE B 139 -14.36 -9.15 7.69
C ILE B 139 -14.15 -10.65 7.53
N ALA B 140 -13.07 -11.20 8.10
CA ALA B 140 -12.73 -12.62 8.05
C ALA B 140 -13.87 -13.44 8.68
N GLN B 141 -14.41 -13.02 9.84
CA GLN B 141 -15.55 -13.67 10.50
C GLN B 141 -16.82 -13.62 9.61
N GLY B 142 -17.10 -12.46 9.05
CA GLY B 142 -18.23 -12.25 8.15
C GLY B 142 -18.18 -13.11 6.90
N ALA B 143 -17.02 -13.13 6.20
CA ALA B 143 -16.81 -13.95 5.02
C ALA B 143 -17.01 -15.44 5.34
N ALA B 144 -16.52 -15.95 6.50
CA ALA B 144 -16.67 -17.36 6.94
C ALA B 144 -18.16 -17.67 7.25
N ASN B 145 -18.92 -16.63 7.72
CA ASN B 145 -20.36 -16.78 7.97
C ASN B 145 -21.09 -16.95 6.62
N GLY B 146 -20.60 -16.24 5.61
CA GLY B 146 -21.12 -16.26 4.26
C GLY B 146 -20.98 -17.62 3.62
N ILE B 147 -19.76 -18.18 3.69
CA ILE B 147 -19.37 -19.51 3.18
C ILE B 147 -20.13 -20.58 3.94
N ASN B 148 -20.26 -20.43 5.27
CA ASN B 148 -21.02 -21.39 6.08
C ASN B 148 -22.46 -21.49 5.61
N PHE B 149 -23.13 -20.36 5.31
CA PHE B 149 -24.50 -20.36 4.79
C PHE B 149 -24.57 -21.17 3.49
N LEU B 150 -23.62 -20.96 2.57
CA LEU B 150 -23.56 -21.67 1.30
C LEU B 150 -23.34 -23.17 1.51
N HIS B 151 -22.37 -23.57 2.37
CA HIS B 151 -22.09 -24.98 2.63
C HIS B 151 -23.25 -25.67 3.38
N GLU B 152 -23.95 -24.94 4.29
CA GLU B 152 -25.13 -25.47 5.00
C GLU B 152 -26.26 -25.74 4.01
N ASN B 153 -26.33 -24.94 2.92
CA ASN B 153 -27.33 -25.06 1.89
C ASN B 153 -26.84 -25.84 0.66
N HIS B 154 -25.80 -26.67 0.87
CA HIS B 154 -25.21 -27.63 -0.06
C HIS B 154 -24.78 -27.04 -1.39
N HIS B 155 -24.08 -25.89 -1.33
CA HIS B 155 -23.51 -25.17 -2.46
C HIS B 155 -22.03 -25.03 -2.27
N ILE B 156 -21.27 -25.20 -3.36
CA ILE B 156 -19.82 -25.04 -3.45
C ILE B 156 -19.61 -23.82 -4.34
N HIS B 157 -18.94 -22.79 -3.81
CA HIS B 157 -18.70 -21.54 -4.53
C HIS B 157 -17.86 -21.71 -5.80
N ARG B 158 -16.66 -22.30 -5.64
CA ARG B 158 -15.62 -22.59 -6.66
C ARG B 158 -14.76 -21.37 -7.07
N ASP B 159 -15.04 -20.18 -6.54
CA ASP B 159 -14.21 -19.01 -6.86
C ASP B 159 -14.12 -18.02 -5.66
N ILE B 160 -13.81 -18.56 -4.47
CA ILE B 160 -13.56 -17.77 -3.27
C ILE B 160 -12.22 -17.06 -3.46
N LYS B 161 -12.27 -15.73 -3.43
CA LYS B 161 -11.12 -14.85 -3.57
C LYS B 161 -11.49 -13.49 -3.02
N SER B 162 -10.48 -12.65 -2.67
CA SER B 162 -10.69 -11.33 -2.14
C SER B 162 -11.47 -10.36 -3.09
N ALA B 163 -11.41 -10.58 -4.42
CA ALA B 163 -12.18 -9.79 -5.38
C ALA B 163 -13.67 -10.12 -5.28
N ASN B 164 -14.02 -11.32 -4.76
CA ASN B 164 -15.40 -11.81 -4.61
C ASN B 164 -15.94 -11.62 -3.20
N ILE B 165 -15.23 -10.85 -2.36
CA ILE B 165 -15.68 -10.50 -1.02
C ILE B 165 -15.90 -8.99 -1.05
N LEU B 166 -17.15 -8.59 -1.13
CA LEU B 166 -17.54 -7.18 -1.24
C LEU B 166 -17.84 -6.58 0.13
N LEU B 167 -17.80 -5.25 0.22
CA LEU B 167 -17.93 -4.57 1.50
C LEU B 167 -18.94 -3.47 1.45
N ASP B 168 -19.96 -3.57 2.32
CA ASP B 168 -21.01 -2.55 2.43
C ASP B 168 -20.52 -1.30 3.21
N GLU B 169 -21.45 -0.36 3.48
CA GLU B 169 -21.24 0.87 4.22
C GLU B 169 -20.61 0.71 5.63
N ALA B 170 -20.87 -0.44 6.29
CA ALA B 170 -20.34 -0.76 7.61
C ALA B 170 -19.18 -1.79 7.55
N PHE B 171 -18.63 -1.99 6.33
CA PHE B 171 -17.54 -2.95 6.02
C PHE B 171 -17.96 -4.39 6.34
N THR B 172 -19.27 -4.70 6.21
CA THR B 172 -19.81 -6.04 6.39
C THR B 172 -19.39 -6.81 5.15
N ALA B 173 -18.75 -7.99 5.34
CA ALA B 173 -18.30 -8.86 4.23
C ALA B 173 -19.51 -9.50 3.57
N LYS B 174 -19.52 -9.47 2.25
CA LYS B 174 -20.60 -10.07 1.47
C LYS B 174 -19.95 -10.85 0.32
N ILE B 175 -20.14 -12.18 0.31
CA ILE B 175 -19.67 -13.10 -0.74
C ILE B 175 -20.46 -12.84 -2.05
N SER B 176 -19.77 -12.91 -3.19
CA SER B 176 -20.37 -12.72 -4.51
C SER B 176 -19.79 -13.67 -5.49
N ASP B 177 -20.41 -13.71 -6.65
CA ASP B 177 -20.06 -14.48 -7.82
C ASP B 177 -20.34 -15.98 -7.65
N PHE B 178 -21.61 -16.38 -7.86
CA PHE B 178 -22.14 -17.75 -7.73
C PHE B 178 -22.38 -18.37 -9.12
N GLY B 179 -21.74 -17.79 -10.12
CA GLY B 179 -21.81 -18.19 -11.52
C GLY B 179 -21.15 -19.52 -11.80
N LEU B 180 -20.04 -19.85 -11.08
CA LEU B 180 -19.33 -21.13 -11.19
C LEU B 180 -19.83 -22.15 -10.15
N ALA B 181 -20.70 -21.73 -9.24
CA ALA B 181 -21.24 -22.53 -8.14
C ALA B 181 -21.96 -23.83 -8.57
N ARG B 182 -21.88 -24.88 -7.71
CA ARG B 182 -22.49 -26.24 -7.87
C ARG B 182 -22.98 -26.71 -6.48
N ALA B 183 -24.05 -27.52 -6.26
CA ALA B 183 -25.07 -28.31 -6.99
C ALA B 183 -25.10 -29.75 -6.36
N SER B 184 -24.56 -29.88 -5.12
CA SER B 184 -24.45 -31.13 -4.33
C SER B 184 -25.64 -31.34 -3.37
N ILE B 196 -12.23 -27.27 -16.27
CA ILE B 196 -11.67 -26.70 -15.04
C ILE B 196 -11.64 -25.18 -15.08
N VAL B 197 -12.19 -24.55 -14.02
CA VAL B 197 -12.22 -23.11 -13.93
C VAL B 197 -12.12 -22.65 -12.46
N GLY B 198 -11.54 -21.46 -12.29
CA GLY B 198 -11.30 -20.76 -11.04
C GLY B 198 -10.11 -19.83 -11.21
N THR B 199 -9.61 -19.29 -10.10
CA THR B 199 -8.47 -18.39 -10.09
C THR B 199 -7.35 -19.23 -9.58
N THR B 200 -6.40 -19.56 -10.46
CA THR B 200 -5.33 -20.51 -10.15
C THR B 200 -4.54 -20.12 -8.91
N ALA B 201 -4.29 -18.83 -8.70
CA ALA B 201 -3.63 -18.26 -7.53
C ALA B 201 -4.30 -18.65 -6.16
N TYR B 202 -5.59 -19.04 -6.20
CA TYR B 202 -6.40 -19.35 -5.01
C TYR B 202 -6.83 -20.76 -4.89
N MET B 203 -6.69 -21.55 -5.98
CA MET B 203 -7.18 -22.92 -6.11
C MET B 203 -6.43 -24.01 -5.40
N ALA B 204 -7.20 -24.88 -4.75
CA ALA B 204 -6.75 -26.10 -4.07
C ALA B 204 -6.13 -27.04 -5.10
N PRO B 205 -5.09 -27.87 -4.76
CA PRO B 205 -4.51 -28.75 -5.78
C PRO B 205 -5.52 -29.67 -6.47
N GLU B 206 -6.46 -30.27 -5.70
CA GLU B 206 -7.49 -31.15 -6.23
C GLU B 206 -8.46 -30.41 -7.18
N ALA B 207 -8.70 -29.11 -6.93
CA ALA B 207 -9.55 -28.26 -7.78
C ALA B 207 -8.88 -28.03 -9.15
N LEU B 208 -7.56 -27.83 -9.15
CA LEU B 208 -6.75 -27.68 -10.38
C LEU B 208 -6.80 -28.94 -11.21
N ARG B 209 -7.06 -30.10 -10.57
CA ARG B 209 -7.15 -31.43 -11.21
C ARG B 209 -8.56 -31.80 -11.65
N GLY B 210 -9.54 -30.97 -11.32
CA GLY B 210 -10.92 -31.19 -11.72
C GLY B 210 -11.92 -31.64 -10.68
N GLU B 211 -11.48 -31.86 -9.42
CA GLU B 211 -12.37 -32.27 -8.34
C GLU B 211 -13.28 -31.12 -7.90
N ILE B 212 -14.54 -31.43 -7.55
CA ILE B 212 -15.55 -30.48 -7.07
C ILE B 212 -15.91 -30.89 -5.64
N THR B 213 -15.49 -30.05 -4.66
CA THR B 213 -15.69 -30.31 -3.23
C THR B 213 -15.72 -29.03 -2.40
N PRO B 214 -16.55 -28.94 -1.31
CA PRO B 214 -16.53 -27.73 -0.48
C PRO B 214 -15.18 -27.52 0.23
N LYS B 215 -14.37 -28.57 0.29
CA LYS B 215 -13.03 -28.58 0.89
C LYS B 215 -12.09 -27.67 0.10
N SER B 216 -12.35 -27.47 -1.20
CA SER B 216 -11.55 -26.60 -2.05
C SER B 216 -11.85 -25.15 -1.69
N ASP B 217 -13.12 -24.83 -1.29
CA ASP B 217 -13.53 -23.49 -0.85
C ASP B 217 -12.75 -23.09 0.40
N ILE B 218 -12.54 -24.03 1.31
CA ILE B 218 -11.76 -23.84 2.55
C ILE B 218 -10.31 -23.46 2.22
N TYR B 219 -9.66 -24.19 1.29
CA TYR B 219 -8.32 -23.89 0.81
C TYR B 219 -8.24 -22.46 0.31
N SER B 220 -9.15 -22.07 -0.61
CA SER B 220 -9.21 -20.72 -1.17
C SER B 220 -9.41 -19.64 -0.07
N PHE B 221 -10.23 -19.93 0.95
CA PHE B 221 -10.43 -19.03 2.07
C PHE B 221 -9.11 -18.87 2.86
N GLY B 222 -8.28 -19.91 2.90
CA GLY B 222 -6.96 -19.85 3.52
C GLY B 222 -6.08 -18.81 2.84
N VAL B 223 -6.15 -18.72 1.49
CA VAL B 223 -5.38 -17.75 0.71
C VAL B 223 -5.87 -16.34 1.03
N VAL B 224 -7.19 -16.16 1.11
CA VAL B 224 -7.85 -14.91 1.48
C VAL B 224 -7.33 -14.47 2.87
N LEU B 225 -7.31 -15.40 3.84
CA LEU B 225 -6.78 -15.09 5.17
C LEU B 225 -5.32 -14.61 5.11
N LEU B 226 -4.46 -15.20 4.24
CA LEU B 226 -3.09 -14.71 4.05
C LEU B 226 -3.08 -13.30 3.45
N GLU B 227 -4.02 -13.00 2.54
CA GLU B 227 -4.15 -11.64 1.97
C GLU B 227 -4.54 -10.64 3.06
N ILE B 228 -5.42 -11.04 3.98
CA ILE B 228 -5.84 -10.21 5.11
C ILE B 228 -4.67 -9.94 6.07
N ILE B 229 -3.87 -10.97 6.40
CA ILE B 229 -2.74 -10.83 7.31
C ILE B 229 -1.63 -9.97 6.71
N THR B 230 -1.30 -10.21 5.45
CA THR B 230 -0.15 -9.60 4.75
C THR B 230 -0.44 -8.35 3.93
N GLY B 231 -1.66 -8.21 3.45
CA GLY B 231 -2.06 -7.11 2.58
C GLY B 231 -1.48 -7.26 1.19
N LEU B 232 -0.94 -8.47 0.89
CA LEU B 232 -0.31 -8.80 -0.37
C LEU B 232 -1.27 -9.48 -1.32
N PRO B 233 -1.23 -9.22 -2.65
CA PRO B 233 -2.12 -9.95 -3.56
C PRO B 233 -1.67 -11.44 -3.68
N ALA B 234 -2.62 -12.37 -3.96
CA ALA B 234 -2.36 -13.82 -4.04
C ALA B 234 -1.30 -14.19 -5.07
N VAL B 235 -1.15 -13.34 -6.10
CA VAL B 235 -0.15 -13.49 -7.15
C VAL B 235 0.41 -12.13 -7.52
N ASP B 236 1.75 -12.07 -7.68
CA ASP B 236 2.48 -10.90 -8.10
C ASP B 236 3.69 -11.37 -8.89
N GLU B 237 3.69 -11.15 -10.22
CA GLU B 237 4.78 -11.55 -11.13
C GLU B 237 6.12 -10.91 -10.77
N HIS B 238 6.07 -9.70 -10.19
CA HIS B 238 7.25 -8.93 -9.75
C HIS B 238 7.53 -9.15 -8.25
N ARG B 239 7.32 -10.38 -7.73
CA ARG B 239 7.56 -10.74 -6.33
C ARG B 239 8.17 -12.15 -6.17
N GLU B 240 8.97 -12.36 -5.09
CA GLU B 240 9.53 -13.65 -4.72
C GLU B 240 9.02 -14.02 -3.29
N PRO B 241 8.14 -15.05 -3.12
CA PRO B 241 7.55 -15.91 -4.16
C PRO B 241 6.42 -15.19 -4.91
N GLN B 242 6.19 -15.59 -6.17
CA GLN B 242 5.14 -14.99 -6.98
C GLN B 242 3.77 -15.26 -6.38
N LEU B 243 3.58 -16.47 -5.83
CA LEU B 243 2.33 -16.93 -5.23
C LEU B 243 2.40 -16.83 -3.73
N LEU B 244 1.42 -16.12 -3.15
CA LEU B 244 1.31 -15.92 -1.72
C LEU B 244 1.18 -17.24 -0.95
N LEU B 245 0.49 -18.27 -1.48
CA LEU B 245 0.33 -19.58 -0.81
C LEU B 245 1.68 -20.24 -0.47
N ASP B 246 2.72 -19.94 -1.28
CA ASP B 246 4.09 -20.39 -1.05
C ASP B 246 4.69 -19.89 0.30
N ILE B 247 4.22 -18.75 0.87
CA ILE B 247 4.76 -18.23 2.13
C ILE B 247 4.57 -19.20 3.33
N LYS B 248 3.54 -20.09 3.27
CA LYS B 248 3.28 -21.12 4.28
C LYS B 248 4.54 -22.02 4.42
N GLU B 249 5.14 -22.39 3.26
CA GLU B 249 6.34 -23.21 3.18
C GLU B 249 7.56 -22.51 3.75
N GLU B 250 7.76 -21.21 3.42
CA GLU B 250 8.85 -20.38 3.94
C GLU B 250 8.82 -20.33 5.47
N ILE B 251 7.62 -20.19 6.05
CA ILE B 251 7.39 -20.12 7.51
C ILE B 251 7.64 -21.49 8.16
N GLU B 252 7.11 -22.58 7.56
CA GLU B 252 7.28 -23.96 8.03
C GLU B 252 8.74 -24.42 8.02
N ASP B 253 9.50 -23.99 6.99
CA ASP B 253 10.92 -24.30 6.85
C ASP B 253 11.82 -23.34 7.64
N GLU B 254 11.22 -22.43 8.45
CA GLU B 254 11.84 -21.43 9.33
C GLU B 254 12.77 -20.42 8.59
N GLU B 255 12.54 -20.23 7.27
CA GLU B 255 13.27 -19.28 6.41
C GLU B 255 12.72 -17.85 6.69
N LYS B 256 11.43 -17.78 7.08
CA LYS B 256 10.69 -16.57 7.43
C LYS B 256 9.76 -16.85 8.61
N THR B 257 9.20 -15.78 9.18
CA THR B 257 8.24 -15.86 10.29
C THR B 257 6.96 -15.17 9.84
N ILE B 258 5.83 -15.41 10.54
CA ILE B 258 4.60 -14.73 10.18
C ILE B 258 4.77 -13.22 10.45
N GLU B 259 5.54 -12.85 11.50
CA GLU B 259 5.86 -11.47 11.86
C GLU B 259 6.49 -10.72 10.69
N ASP B 260 7.39 -11.38 9.95
CA ASP B 260 8.06 -10.81 8.77
C ASP B 260 7.06 -10.42 7.68
N TYR B 261 5.94 -11.15 7.60
CA TYR B 261 4.93 -10.96 6.55
C TYR B 261 3.71 -10.11 6.94
N ILE B 262 3.49 -9.81 8.24
CA ILE B 262 2.37 -9.01 8.71
C ILE B 262 2.36 -7.70 7.94
N ASP B 263 1.21 -7.34 7.40
CA ASP B 263 0.98 -6.07 6.71
C ASP B 263 1.43 -4.95 7.62
N LYS B 264 2.38 -4.13 7.14
CA LYS B 264 2.93 -3.00 7.89
C LYS B 264 1.99 -1.81 7.92
N LYS B 265 0.94 -1.85 7.09
CA LYS B 265 -0.05 -0.76 7.05
C LYS B 265 -1.11 -0.86 8.14
N MET B 266 -0.78 -1.43 9.30
CA MET B 266 -1.66 -1.53 10.48
C MET B 266 -0.87 -1.07 11.69
N ASN B 267 -1.54 -0.50 12.70
CA ASN B 267 -0.91 -0.08 13.96
C ASN B 267 -1.53 -0.84 15.14
N ASP B 268 -2.60 -1.63 14.90
CA ASP B 268 -3.35 -2.31 15.96
C ASP B 268 -3.29 -3.85 15.94
N ALA B 269 -2.36 -4.43 15.16
CA ALA B 269 -2.21 -5.88 15.12
C ALA B 269 -1.46 -6.32 16.37
N ASP B 270 -1.86 -7.45 16.95
CA ASP B 270 -1.16 -8.02 18.10
C ASP B 270 -0.76 -9.42 17.66
N SER B 271 0.45 -9.84 18.03
CA SER B 271 1.02 -11.12 17.64
C SER B 271 0.12 -12.32 17.94
N THR B 272 -0.57 -12.33 19.09
CA THR B 272 -1.45 -13.44 19.51
C THR B 272 -2.57 -13.67 18.49
N SER B 273 -3.39 -12.66 18.20
CA SER B 273 -4.48 -12.84 17.25
C SER B 273 -3.99 -13.02 15.80
N VAL B 274 -2.85 -12.39 15.41
CA VAL B 274 -2.30 -12.60 14.06
C VAL B 274 -1.90 -14.06 13.90
N GLU B 275 -1.14 -14.60 14.89
CA GLU B 275 -0.71 -16.00 14.90
C GLU B 275 -1.92 -16.95 14.90
N ALA B 276 -3.02 -16.59 15.61
CA ALA B 276 -4.25 -17.37 15.64
C ALA B 276 -4.91 -17.38 14.27
N MET B 277 -4.98 -16.22 13.53
CA MET B 277 -5.53 -16.21 12.18
C MET B 277 -4.61 -17.00 11.22
N TYR B 278 -3.27 -16.90 11.41
CA TYR B 278 -2.33 -17.63 10.58
C TYR B 278 -2.47 -19.13 10.77
N SER B 279 -2.72 -19.58 12.01
CA SER B 279 -2.93 -20.99 12.34
C SER B 279 -4.17 -21.50 11.59
N VAL B 280 -5.25 -20.69 11.52
CA VAL B 280 -6.48 -21.02 10.76
C VAL B 280 -6.12 -21.12 9.28
N ALA B 281 -5.43 -20.10 8.70
CA ALA B 281 -5.01 -20.07 7.29
C ALA B 281 -4.17 -21.30 6.95
N SER B 282 -3.18 -21.64 7.82
CA SER B 282 -2.29 -22.80 7.65
C SER B 282 -3.08 -24.11 7.61
N GLN B 283 -4.08 -24.29 8.51
CA GLN B 283 -4.97 -25.46 8.54
C GLN B 283 -5.81 -25.53 7.26
N CYS B 284 -6.36 -24.40 6.80
CA CYS B 284 -7.14 -24.33 5.56
C CYS B 284 -6.28 -24.75 4.37
N LEU B 285 -4.99 -24.42 4.38
CA LEU B 285 -4.05 -24.66 3.27
C LEU B 285 -3.36 -26.03 3.28
N HIS B 286 -3.87 -26.99 4.07
CA HIS B 286 -3.34 -28.34 4.10
C HIS B 286 -3.51 -28.91 2.68
N GLU B 287 -2.44 -29.48 2.12
CA GLU B 287 -2.44 -30.06 0.76
C GLU B 287 -3.43 -31.21 0.61
N LYS B 288 -3.66 -31.97 1.70
CA LYS B 288 -4.62 -33.08 1.77
C LYS B 288 -5.98 -32.53 2.19
N LYS B 289 -6.96 -32.54 1.27
CA LYS B 289 -8.31 -31.99 1.45
C LYS B 289 -9.03 -32.48 2.72
N ASN B 290 -8.91 -33.75 3.06
CA ASN B 290 -9.56 -34.37 4.22
C ASN B 290 -8.99 -33.93 5.56
N LYS B 291 -7.78 -33.32 5.55
CA LYS B 291 -7.08 -32.83 6.74
C LYS B 291 -7.41 -31.37 7.03
N ARG B 292 -8.09 -30.68 6.09
CA ARG B 292 -8.52 -29.30 6.26
C ARG B 292 -9.72 -29.22 7.17
N PRO B 293 -9.88 -28.14 7.99
CA PRO B 293 -11.09 -28.04 8.83
C PRO B 293 -12.31 -27.73 7.95
N ASP B 294 -13.53 -28.05 8.42
CA ASP B 294 -14.75 -27.69 7.68
C ASP B 294 -15.06 -26.21 7.98
N ILE B 295 -16.05 -25.64 7.30
CA ILE B 295 -16.37 -24.22 7.49
C ILE B 295 -16.88 -23.89 8.93
N LYS B 296 -17.60 -24.81 9.60
CA LYS B 296 -18.06 -24.59 10.96
C LYS B 296 -16.86 -24.50 11.94
N LYS B 297 -15.79 -25.33 11.72
CA LYS B 297 -14.57 -25.29 12.53
C LYS B 297 -13.81 -23.98 12.27
N VAL B 298 -13.73 -23.53 11.00
CA VAL B 298 -13.08 -22.26 10.63
C VAL B 298 -13.78 -21.11 11.37
N GLN B 299 -15.13 -21.08 11.37
CA GLN B 299 -15.93 -20.07 12.08
C GLN B 299 -15.60 -20.07 13.58
N GLN B 300 -15.59 -21.26 14.21
CA GLN B 300 -15.29 -21.47 15.63
C GLN B 300 -13.92 -20.89 15.98
N LEU B 301 -12.90 -21.20 15.17
CA LEU B 301 -11.52 -20.75 15.39
C LEU B 301 -11.39 -19.23 15.28
N LEU B 302 -12.09 -18.63 14.30
CA LEU B 302 -12.09 -17.18 14.11
C LEU B 302 -12.84 -16.48 15.23
N GLN B 303 -13.88 -17.12 15.78
CA GLN B 303 -14.65 -16.57 16.91
C GLN B 303 -13.78 -16.56 18.17
N GLU B 304 -13.06 -17.67 18.41
CA GLU B 304 -12.17 -17.84 19.55
C GLU B 304 -11.05 -16.79 19.54
N MET B 305 -10.55 -16.46 18.32
CA MET B 305 -9.47 -15.51 18.06
C MET B 305 -9.72 -14.12 18.70
N THR B 306 -10.99 -13.66 18.70
CA THR B 306 -11.35 -12.35 19.22
C THR B 306 -12.01 -12.41 20.62
C1 NBK C . 12.24 14.67 13.67
C2 NBK C . 16.37 14.89 12.08
C3 NBK C . 16.55 12.68 12.80
C7 NBK C . 11.63 13.45 13.56
C8 NBK C . 12.42 12.41 13.13
C9 NBK C . 7.68 10.85 13.82
C10 NBK C . 13.58 14.82 13.37
C11 NBK C . 14.32 13.73 12.95
C12 NBK C . 11.78 11.21 13.02
C13 NBK C . 18.32 13.81 11.96
C14 NBK C . 9.80 12.08 13.72
C15 NBK C . 12.65 7.70 12.50
C16 NBK C . 11.40 8.02 13.28
C19 NBK C . 3.22 7.11 14.10
C20 NBK C . 2.84 8.09 11.93
C21 NBK C . 4.79 8.74 13.32
C22 NBK C . 11.87 8.95 12.19
C24 NBK C . 11.16 8.97 10.89
N26 NBK C . 17.67 14.95 11.74
N29 NBK C . 13.74 12.53 12.84
C4 NBK C . 8.12 9.52 13.73
C5 NBK C . 6.31 10.78 13.69
C6 NBK C . 15.73 13.78 12.62
C17 NBK C . 4.11 8.25 14.57
C18 NBK C . 3.84 9.20 12.24
C23 NBK C . 19.76 13.81 11.58
C25 NBK C . 1.23 6.60 12.91
N27 NBK C . 17.84 12.66 12.48
N28 NBK C . 7.12 8.64 13.56
N30 NBK C . 10.33 13.31 13.83
N31 NBK C . 10.48 11.00 13.31
N32 NBK C . 6.05 9.44 13.52
N33 NBK C . 2.21 7.64 13.18
N34 NBK C . 8.44 11.93 14.03
O35 NBK C . 12.57 10.15 12.58
F36 NBK C . 14.10 16.04 13.43
C1 NBK D . -21.79 -4.77 -5.99
C2 NBK D . -21.75 -9.00 -7.48
C3 NBK D . -20.66 -8.10 -9.30
C7 NBK D . -20.66 -4.03 -6.26
C8 NBK D . -19.76 -4.66 -7.10
C9 NBK D . -17.92 -0.27 -5.56
C10 NBK D . -21.99 -6.00 -6.54
C11 NBK D . -21.03 -6.57 -7.37
C12 NBK D . -18.61 -3.93 -7.32
C13 NBK D . -21.46 -10.24 -9.36
C14 NBK D . -19.34 -2.20 -6.03
C15 NBK D . -15.48 -4.41 -9.23
C16 NBK D . -15.82 -2.98 -9.03
C19 NBK D . -14.94 4.50 -4.45
C20 NBK D . -13.88 3.00 -2.97
C21 NBK D . -15.37 2.12 -4.74
C22 NBK D . -16.29 -4.01 -8.04
C24 NBK D . -15.64 -4.07 -6.71
N26 NBK D . -21.95 -10.17 -8.11
N29 NBK D . -19.93 -5.87 -7.64
C4 NBK D . -16.92 -0.40 -6.53
C5 NBK D . -17.49 0.72 -4.70
C6 NBK D . -21.14 -7.88 -8.02
C17 NBK D . -15.97 3.49 -4.90
C18 NBK D . -14.85 1.90 -3.33
C23 NBK D . -21.63 -11.50 -10.12
C25 NBK D . -13.73 5.32 -2.65
N27 NBK D . -20.80 -9.25 -9.99
N28 NBK D . -15.93 0.45 -6.32
N30 NBK D . -20.48 -2.82 -5.70
N31 NBK D . -18.39 -2.72 -6.81
N32 NBK D . -16.29 1.09 -5.20
N33 NBK D . -14.63 4.25 -3.06
N34 NBK D . -19.08 -0.94 -5.50
O35 NBK D . -17.64 -4.50 -8.15
F36 NBK D . -23.10 -6.61 -6.15
#